data_2O33
#
_entry.id   2O33
#
_entity_poly.entity_id   1
_entity_poly.type   'polyribonucleotide'
_entity_poly.pdbx_seq_one_letter_code
;GGUUUGCCUUUUGGCUUACC
;
_entity_poly.pdbx_strand_id   A
#